data_2VE1
#
_entry.id   2VE1
#
_cell.length_a   41.672
_cell.length_b   75.717
_cell.length_c   101.910
_cell.angle_alpha   90.00
_cell.angle_beta   90.00
_cell.angle_gamma   90.00
#
_symmetry.space_group_name_H-M   'P 21 21 21'
#
loop_
_entity.id
_entity.type
_entity.pdbx_description
1 polymer 'ISOPENICILLIN N SYNTHETASE'
2 non-polymer 'FE (II) ION'
3 non-polymer N~6~-[(1R)-1-({[(1R,2R)-1-CARBOXY-3-HYDROXY-2-METHYLPROPYL]OXY}CARBONYL)-2-MERCAPTOPROP-2-EN-1-YL]-6-OXO-L-LYSINE
4 non-polymer N^6^-[(1R,2S)-1-({[(1R)-1-carboxy-2-methylpropyl]oxy}carbonyl)-2-sulfanylpropyl]-6-oxo-L-lysine
5 water water
#
_entity_poly.entity_id   1
_entity_poly.type   'polypeptide(L)'
_entity_poly.pdbx_seq_one_letter_code
;MGSVSKANVPKIDVSPLFGDDQAAKMRVAQQIDAASRDTGFFYAVNHGINVQRLSQKTKEFHMSITPEEKWDLAIRAYNK
EHQDQVRAGYYLSIPGKKAVESFCYLNPNFTPDHPRIQAKTPTHEVNVWPDETKHPGFQDFAEQYYWDVFGLSSALLKGY
ALALGKEENFFARHFKPDDTLASVVLIRYPYLDPYPEAAIKTAADGTKLSFEWHEDVSLITVLYQSNVQNLQVETAAGYQ
DIEADDTGYLINCGSYMAHLTNNYYKAPIHRVKWVNAERQSLPFFVNLGYDSVIDPFDPREPNGKSDREPLSYGDYLQNG
LVSLINKNGQT
;
_entity_poly.pdbx_strand_id   A
#
# COMPACT_ATOMS: atom_id res chain seq x y z
N SER A 3 11.20 -20.75 -19.13
CA SER A 3 10.57 -19.41 -19.19
C SER A 3 9.84 -19.08 -17.85
N VAL A 4 10.00 -17.84 -17.40
CA VAL A 4 9.06 -17.27 -16.42
C VAL A 4 7.78 -16.88 -17.17
N SER A 5 6.63 -17.28 -16.63
CA SER A 5 5.31 -17.00 -17.22
C SER A 5 4.75 -15.69 -16.72
N LYS A 6 3.66 -15.28 -17.33
CA LYS A 6 3.06 -14.02 -17.06
C LYS A 6 1.69 -14.18 -16.39
N ALA A 7 1.49 -13.39 -15.33
CA ALA A 7 0.33 -13.40 -14.48
C ALA A 7 -0.86 -12.79 -15.22
N ASN A 8 -2.04 -13.33 -14.92
CA ASN A 8 -3.26 -12.83 -15.50
C ASN A 8 -3.78 -11.74 -14.59
N VAL A 9 -3.69 -10.50 -15.05
CA VAL A 9 -4.05 -9.35 -14.21
C VAL A 9 -5.13 -8.55 -14.94
N PRO A 10 -6.41 -8.83 -14.64
CA PRO A 10 -7.42 -8.25 -15.48
C PRO A 10 -7.53 -6.77 -15.20
N LYS A 11 -7.90 -6.03 -16.23
CA LYS A 11 -8.25 -4.63 -16.13
C LYS A 11 -9.72 -4.44 -15.83
N ILE A 12 -10.05 -3.87 -14.67
CA ILE A 12 -11.47 -3.72 -14.22
C ILE A 12 -11.92 -2.23 -14.17
N ASP A 13 -12.90 -1.87 -15.00
CA ASP A 13 -13.56 -0.56 -14.92
C ASP A 13 -14.34 -0.44 -13.60
N VAL A 14 -13.86 0.39 -12.69
CA VAL A 14 -14.42 0.49 -11.36
C VAL A 14 -15.40 1.68 -11.24
N SER A 15 -15.63 2.38 -12.36
CA SER A 15 -16.40 3.59 -12.36
C SER A 15 -17.84 3.37 -11.82
N PRO A 16 -18.47 2.23 -12.10
CA PRO A 16 -19.79 2.06 -11.47
C PRO A 16 -19.80 2.09 -9.91
N LEU A 17 -18.68 1.75 -9.27
CA LEU A 17 -18.66 1.72 -7.79
C LEU A 17 -18.82 3.10 -7.18
N PHE A 18 -18.75 4.14 -8.02
CA PHE A 18 -19.01 5.55 -7.60
C PHE A 18 -20.45 5.98 -7.87
N GLY A 19 -21.29 5.12 -8.44
CA GLY A 19 -22.64 5.49 -8.89
C GLY A 19 -23.72 4.79 -8.11
N ASP A 20 -24.95 4.86 -8.62
CA ASP A 20 -26.14 4.23 -8.06
C ASP A 20 -26.81 3.19 -8.96
N ASP A 21 -26.09 2.65 -9.95
CA ASP A 21 -26.60 1.54 -10.72
C ASP A 21 -26.15 0.23 -10.00
N GLN A 22 -27.05 -0.34 -9.19
CA GLN A 22 -26.69 -1.43 -8.28
C GLN A 22 -26.27 -2.69 -9.00
N ALA A 23 -26.97 -3.02 -10.07
CA ALA A 23 -26.60 -4.15 -10.91
C ALA A 23 -25.19 -3.97 -11.53
N ALA A 24 -24.91 -2.78 -12.04
CA ALA A 24 -23.59 -2.55 -12.61
C ALA A 24 -22.49 -2.80 -11.54
N LYS A 25 -22.81 -2.45 -10.31
CA LYS A 25 -21.84 -2.57 -9.25
C LYS A 25 -21.60 -4.04 -8.99
N MET A 26 -22.66 -4.85 -9.06
CA MET A 26 -22.55 -6.31 -8.91
C MET A 26 -21.67 -6.91 -9.99
N ARG A 27 -21.76 -6.41 -11.21
CA ARG A 27 -20.91 -6.91 -12.30
C ARG A 27 -19.43 -6.55 -12.06
N VAL A 28 -19.15 -5.48 -11.32
CA VAL A 28 -17.78 -5.16 -10.93
C VAL A 28 -17.32 -6.10 -9.82
N ALA A 29 -18.20 -6.24 -8.79
CA ALA A 29 -17.96 -7.15 -7.66
C ALA A 29 -17.57 -8.49 -8.17
N GLN A 30 -18.23 -8.98 -9.23
CA GLN A 30 -17.96 -10.31 -9.74
C GLN A 30 -16.51 -10.47 -10.28
N GLN A 31 -16.03 -9.42 -10.97
CA GLN A 31 -14.68 -9.37 -11.54
C GLN A 31 -13.58 -9.33 -10.42
N ILE A 32 -13.87 -8.55 -9.39
CA ILE A 32 -13.04 -8.47 -8.19
C ILE A 32 -13.00 -9.83 -7.53
N ASP A 33 -14.16 -10.48 -7.42
CA ASP A 33 -14.21 -11.89 -6.94
C ASP A 33 -13.28 -12.81 -7.72
N ALA A 34 -13.41 -12.83 -9.03
CA ALA A 34 -12.66 -13.78 -9.82
C ALA A 34 -11.14 -13.53 -9.70
N ALA A 35 -10.75 -12.26 -9.79
CA ALA A 35 -9.37 -11.85 -9.62
C ALA A 35 -8.84 -12.30 -8.26
N SER A 36 -9.64 -12.11 -7.22
CA SER A 36 -9.19 -12.32 -5.86
C SER A 36 -8.99 -13.80 -5.60
N ARG A 37 -9.72 -14.63 -6.34
CA ARG A 37 -9.60 -16.08 -6.25
C ARG A 37 -8.54 -16.70 -7.18
N ASP A 38 -8.08 -15.92 -8.16
CA ASP A 38 -7.05 -16.37 -9.09
C ASP A 38 -5.64 -15.94 -8.59
N THR A 39 -4.95 -15.03 -9.27
CA THR A 39 -3.64 -14.63 -8.82
C THR A 39 -3.71 -13.62 -7.67
N GLY A 40 -4.81 -12.89 -7.51
CA GLY A 40 -4.97 -11.95 -6.41
C GLY A 40 -4.91 -10.48 -6.83
N PHE A 41 -4.32 -10.20 -7.99
CA PHE A 41 -4.16 -8.83 -8.47
C PHE A 41 -5.12 -8.47 -9.62
N PHE A 42 -5.58 -7.21 -9.62
CA PHE A 42 -6.22 -6.60 -10.79
C PHE A 42 -5.80 -5.15 -10.90
N TYR A 43 -6.04 -4.55 -12.07
CA TYR A 43 -5.81 -3.13 -12.28
C TYR A 43 -7.18 -2.48 -12.25
N ALA A 44 -7.34 -1.44 -11.40
CA ALA A 44 -8.52 -0.61 -11.36
C ALA A 44 -8.34 0.44 -12.44
N VAL A 45 -9.24 0.47 -13.41
CA VAL A 45 -9.16 1.47 -14.48
C VAL A 45 -10.45 2.30 -14.49
N ASN A 46 -10.37 3.42 -15.21
CA ASN A 46 -11.40 4.44 -15.28
C ASN A 46 -11.77 4.93 -13.88
N HIS A 47 -10.72 5.27 -13.13
CA HIS A 47 -10.72 5.50 -11.67
C HIS A 47 -10.86 6.97 -11.26
N GLY A 48 -10.71 7.92 -12.18
CA GLY A 48 -10.93 9.36 -11.88
C GLY A 48 -9.78 10.16 -11.27
N ILE A 49 -8.68 9.50 -10.95
CA ILE A 49 -7.52 10.20 -10.43
C ILE A 49 -6.56 10.64 -11.52
N ASN A 50 -6.08 11.87 -11.39
CA ASN A 50 -5.07 12.39 -12.26
C ASN A 50 -3.70 11.87 -11.83
N VAL A 51 -3.32 10.75 -12.42
CA VAL A 51 -2.06 10.06 -12.10
C VAL A 51 -0.83 10.67 -12.81
N GLN A 52 -1.03 11.48 -13.84
CA GLN A 52 0.07 12.17 -14.51
C GLN A 52 0.58 13.25 -13.53
N ARG A 53 -0.33 13.82 -12.74
CA ARG A 53 -0.07 14.95 -11.84
C ARG A 53 0.57 14.48 -10.51
N LEU A 54 0.82 13.19 -10.41
CA LEU A 54 1.28 12.58 -9.16
C LEU A 54 2.74 12.01 -9.31
N SER A 55 3.02 11.33 -10.41
CA SER A 55 4.38 10.90 -10.67
C SER A 55 5.31 12.14 -10.89
N GLN A 56 4.70 13.22 -11.42
CA GLN A 56 5.42 14.44 -11.73
C GLN A 56 6.00 15.02 -10.43
N LYS A 57 5.07 15.41 -9.58
CA LYS A 57 5.35 15.97 -8.27
C LYS A 57 6.31 15.11 -7.44
N THR A 58 6.28 13.79 -7.60
CA THR A 58 7.02 12.86 -6.73
C THR A 58 8.51 12.87 -7.09
N LYS A 59 8.79 12.76 -8.39
CA LYS A 59 10.12 13.01 -8.93
C LYS A 59 10.75 14.28 -8.37
N GLU A 60 10.24 15.43 -8.81
CA GLU A 60 10.73 16.71 -8.31
C GLU A 60 11.23 16.61 -6.87
N PHE A 61 10.29 16.29 -5.96
CA PHE A 61 10.61 16.10 -4.54
C PHE A 61 11.86 15.25 -4.31
N HIS A 62 11.85 13.98 -4.72
CA HIS A 62 13.00 13.08 -4.47
C HIS A 62 14.31 13.58 -5.12
N MET A 63 14.19 14.16 -6.30
CA MET A 63 15.34 14.77 -6.99
C MET A 63 15.95 16.03 -6.30
N SER A 64 15.10 16.95 -5.86
CA SER A 64 15.59 18.21 -5.32
C SER A 64 15.79 18.28 -3.76
N ILE A 65 15.41 17.25 -3.02
CA ILE A 65 15.62 17.24 -1.55
C ILE A 65 17.11 16.98 -1.25
N THR A 66 17.65 17.73 -0.28
CA THR A 66 19.10 17.72 0.01
C THR A 66 19.36 16.82 1.22
N PRO A 67 20.63 16.44 1.46
CA PRO A 67 21.05 15.69 2.66
C PRO A 67 20.66 16.29 3.99
N GLU A 68 20.84 17.61 4.11
CA GLU A 68 20.41 18.36 5.26
C GLU A 68 18.92 18.14 5.58
N GLU A 69 18.11 18.28 4.54
CA GLU A 69 16.68 18.16 4.67
C GLU A 69 16.24 16.75 5.02
N LYS A 70 16.92 15.75 4.47
CA LYS A 70 16.63 14.34 4.75
C LYS A 70 16.93 13.95 6.20
N TRP A 71 18.04 14.41 6.76
CA TRP A 71 18.29 14.22 8.21
C TRP A 71 17.19 14.92 9.07
N ASP A 72 16.83 16.15 8.68
CA ASP A 72 15.79 16.94 9.40
C ASP A 72 14.44 16.24 9.45
N LEU A 73 14.14 15.48 8.40
CA LEU A 73 12.88 14.69 8.22
C LEU A 73 12.94 13.20 8.59
N ALA A 74 14.12 12.72 9.01
CA ALA A 74 14.39 11.29 9.08
C ALA A 74 13.61 10.59 10.18
N ILE A 75 13.15 9.36 9.89
CA ILE A 75 12.58 8.48 10.89
C ILE A 75 13.66 7.97 11.91
N ARG A 76 13.19 7.44 13.03
CA ARG A 76 14.03 7.05 14.20
C ARG A 76 15.18 6.11 13.83
N ALA A 77 14.94 5.25 12.87
CA ALA A 77 15.95 4.33 12.35
C ALA A 77 17.14 5.01 11.71
N TYR A 78 16.98 6.28 11.30
CA TYR A 78 18.09 7.03 10.70
C TYR A 78 18.59 8.17 11.57
N ASN A 79 17.80 8.60 12.53
CA ASN A 79 18.05 9.81 13.33
C ASN A 79 17.51 9.53 14.74
N LYS A 80 18.39 9.19 15.67
CA LYS A 80 18.01 8.94 17.08
C LYS A 80 17.31 10.15 17.81
N GLU A 81 17.45 11.38 17.29
CA GLU A 81 16.80 12.57 17.88
C GLU A 81 15.24 12.51 17.69
N HIS A 82 14.76 11.65 16.77
CA HIS A 82 13.38 11.64 16.33
C HIS A 82 12.63 10.40 16.82
N GLN A 83 12.72 10.17 18.13
CA GLN A 83 12.05 9.04 18.81
C GLN A 83 10.52 8.87 18.52
N ASP A 84 9.81 9.96 18.23
CA ASP A 84 8.37 9.86 17.90
C ASP A 84 8.07 9.46 16.49
N GLN A 85 9.01 9.65 15.57
CA GLN A 85 8.85 9.24 14.15
C GLN A 85 9.20 7.79 13.90
N VAL A 86 8.21 6.91 14.05
CA VAL A 86 8.42 5.51 13.76
C VAL A 86 7.98 5.24 12.36
N ARG A 87 6.87 5.84 11.94
CA ARG A 87 6.30 5.53 10.62
C ARG A 87 6.50 6.67 9.64
N ALA A 88 6.24 7.91 10.07
CA ALA A 88 6.18 9.06 9.17
C ALA A 88 7.51 9.80 9.07
N GLY A 89 7.93 10.12 7.83
CA GLY A 89 9.13 10.90 7.57
C GLY A 89 9.96 10.27 6.47
N TYR A 90 11.27 10.61 6.44
CA TYR A 90 12.18 10.17 5.41
C TYR A 90 13.00 8.89 5.77
N TYR A 91 13.07 7.98 4.77
CA TYR A 91 13.78 6.70 4.84
C TYR A 91 14.97 6.82 3.87
N LEU A 92 16.17 7.07 4.38
CA LEU A 92 17.32 7.42 3.53
C LEU A 92 17.91 6.23 2.77
N SER A 93 18.44 6.47 1.59
CA SER A 93 19.29 5.52 0.92
C SER A 93 20.66 5.53 1.61
N ILE A 94 21.49 4.55 1.30
CA ILE A 94 22.86 4.50 1.81
C ILE A 94 23.79 4.25 0.62
N PRO A 95 24.35 5.34 0.02
CA PRO A 95 25.14 5.13 -1.18
C PRO A 95 26.18 4.03 -0.99
N GLY A 96 26.30 3.17 -2.01
CA GLY A 96 27.20 2.03 -1.99
C GLY A 96 26.55 0.80 -1.38
N LYS A 97 25.42 0.96 -0.69
CA LYS A 97 24.84 -0.16 0.08
C LYS A 97 23.33 -0.41 -0.10
N LYS A 98 22.55 0.67 -0.13
CA LYS A 98 21.10 0.62 -0.21
C LYS A 98 20.58 1.70 -1.21
N ALA A 99 19.92 1.23 -2.26
CA ALA A 99 19.48 2.10 -3.37
C ALA A 99 18.20 2.87 -3.02
N VAL A 100 17.25 2.18 -2.41
CA VAL A 100 15.90 2.68 -2.31
C VAL A 100 15.78 3.78 -1.24
N GLU A 101 15.01 4.81 -1.55
CA GLU A 101 14.62 5.80 -0.59
C GLU A 101 13.15 6.20 -0.71
N SER A 102 12.60 6.66 0.40
CA SER A 102 11.22 6.97 0.45
C SER A 102 10.78 8.04 1.48
N PHE A 103 9.54 8.47 1.33
CA PHE A 103 8.86 9.37 2.27
C PHE A 103 7.44 8.87 2.57
N CYS A 104 7.19 8.58 3.86
CA CYS A 104 5.89 8.13 4.35
C CYS A 104 5.09 9.18 5.10
N TYR A 105 3.80 9.24 4.82
CA TYR A 105 2.93 10.12 5.57
C TYR A 105 1.59 9.44 5.83
N LEU A 106 0.95 9.92 6.87
CA LEU A 106 -0.24 9.34 7.49
C LEU A 106 -1.45 10.29 7.31
N ASN A 107 -2.58 9.93 7.93
CA ASN A 107 -3.81 10.73 8.04
C ASN A 107 -3.46 12.19 8.37
N PRO A 108 -3.73 13.11 7.45
CA PRO A 108 -3.51 14.57 7.79
C PRO A 108 -4.37 15.11 8.95
N ASN A 109 -5.41 14.40 9.35
CA ASN A 109 -6.20 14.80 10.54
C ASN A 109 -5.44 14.53 11.84
N PHE A 110 -4.32 13.80 11.76
CA PHE A 110 -3.53 13.53 12.96
C PHE A 110 -2.73 14.78 13.33
N THR A 111 -3.31 15.63 14.18
CA THR A 111 -2.63 16.87 14.64
C THR A 111 -2.46 16.82 16.17
N PRO A 112 -1.75 17.81 16.78
CA PRO A 112 -1.51 17.83 18.23
C PRO A 112 -2.74 17.75 19.11
N ASP A 113 -3.88 18.19 18.64
CA ASP A 113 -5.05 18.06 19.45
C ASP A 113 -6.02 17.00 18.95
N HIS A 114 -5.54 16.06 18.13
CA HIS A 114 -6.30 14.87 17.80
C HIS A 114 -6.24 13.94 19.01
N PRO A 115 -7.39 13.40 19.45
CA PRO A 115 -7.45 12.60 20.67
C PRO A 115 -6.45 11.45 20.79
N ARG A 116 -6.17 10.77 19.66
CA ARG A 116 -5.21 9.67 19.64
C ARG A 116 -3.78 10.12 19.75
N ILE A 117 -3.46 11.31 19.25
CA ILE A 117 -2.12 11.89 19.44
C ILE A 117 -2.01 12.32 20.91
N GLN A 118 -3.02 13.01 21.44
CA GLN A 118 -2.94 13.42 22.85
C GLN A 118 -2.84 12.21 23.82
N ALA A 119 -3.48 11.09 23.48
CA ALA A 119 -3.33 9.89 24.28
C ALA A 119 -2.01 9.12 24.01
N LYS A 120 -1.24 9.55 23.02
CA LYS A 120 -0.01 8.84 22.61
C LYS A 120 -0.24 7.35 22.22
N THR A 121 -1.35 7.08 21.53
CA THR A 121 -1.66 5.71 21.12
C THR A 121 -0.67 5.26 20.03
N PRO A 122 -0.11 4.04 20.17
CA PRO A 122 0.80 3.47 19.19
C PRO A 122 0.26 3.49 17.77
N THR A 123 1.16 3.74 16.83
CA THR A 123 0.92 3.82 15.37
C THR A 123 0.36 5.15 14.86
N HIS A 124 0.09 6.09 15.77
CA HIS A 124 -0.43 7.40 15.41
C HIS A 124 0.67 8.39 15.55
N GLU A 125 0.88 9.23 14.52
CA GLU A 125 1.93 10.25 14.54
C GLU A 125 1.46 11.45 13.78
N VAL A 126 2.07 12.60 14.08
CA VAL A 126 1.80 13.84 13.40
C VAL A 126 2.80 13.93 12.21
N ASN A 127 2.31 14.04 10.98
CA ASN A 127 3.21 14.17 9.80
C ASN A 127 4.25 15.25 9.89
N VAL A 128 5.43 14.94 9.39
CA VAL A 128 6.49 15.94 9.23
C VAL A 128 6.60 16.28 7.73
N TRP A 129 6.92 17.53 7.44
CA TRP A 129 6.93 18.05 6.04
C TRP A 129 8.17 18.90 5.81
N PRO A 130 8.64 18.95 4.57
CA PRO A 130 9.74 19.83 4.25
C PRO A 130 9.33 21.29 4.27
N ASP A 131 10.35 22.14 4.31
CA ASP A 131 10.18 23.57 4.17
C ASP A 131 9.42 23.92 2.88
N GLU A 132 8.27 24.59 3.08
CA GLU A 132 7.42 25.14 2.03
C GLU A 132 8.12 26.04 1.00
N THR A 133 9.24 26.67 1.32
CA THR A 133 9.90 27.54 0.32
C THR A 133 10.87 26.75 -0.56
N LYS A 134 11.49 25.71 -0.01
CA LYS A 134 12.32 24.79 -0.80
C LYS A 134 11.53 23.78 -1.64
N HIS A 135 10.24 23.58 -1.28
CA HIS A 135 9.35 22.58 -1.89
C HIS A 135 7.93 23.14 -1.99
N PRO A 136 7.76 24.21 -2.77
CA PRO A 136 6.47 24.93 -2.85
C PRO A 136 5.31 24.07 -3.38
N GLY A 137 4.18 24.08 -2.69
CA GLY A 137 3.00 23.26 -3.11
C GLY A 137 3.05 21.75 -2.83
N PHE A 138 4.24 21.22 -2.44
CA PHE A 138 4.40 19.82 -2.08
C PHE A 138 3.42 19.30 -1.00
N GLN A 139 3.39 19.95 0.16
CA GLN A 139 2.47 19.49 1.22
C GLN A 139 0.97 19.55 0.80
N ASP A 140 0.57 20.60 0.07
CA ASP A 140 -0.82 20.72 -0.41
C ASP A 140 -1.14 19.59 -1.37
N PHE A 141 -0.20 19.30 -2.25
CA PHE A 141 -0.34 18.22 -3.19
C PHE A 141 -0.52 16.87 -2.47
N ALA A 142 0.41 16.58 -1.57
CA ALA A 142 0.45 15.28 -0.90
C ALA A 142 -0.81 15.04 -0.07
N GLU A 143 -1.26 16.09 0.64
CA GLU A 143 -2.49 16.00 1.44
C GLU A 143 -3.74 15.76 0.56
N GLN A 144 -3.84 16.52 -0.52
CA GLN A 144 -4.95 16.28 -1.45
C GLN A 144 -4.88 14.87 -2.09
N TYR A 145 -3.69 14.42 -2.46
CA TYR A 145 -3.58 13.08 -3.00
C TYR A 145 -4.12 12.04 -2.00
N TYR A 146 -3.81 12.19 -0.72
CA TYR A 146 -4.28 11.24 0.31
C TYR A 146 -5.79 11.09 0.23
N TRP A 147 -6.53 12.22 0.15
CA TRP A 147 -8.02 12.19 0.05
C TRP A 147 -8.56 11.72 -1.30
N ASP A 148 -7.82 11.95 -2.38
CA ASP A 148 -8.20 11.38 -3.68
C ASP A 148 -8.13 9.85 -3.62
N VAL A 149 -7.01 9.33 -3.14
CA VAL A 149 -6.82 7.91 -3.04
C VAL A 149 -7.70 7.26 -1.96
N PHE A 150 -7.96 8.01 -0.89
CA PHE A 150 -8.94 7.60 0.12
C PHE A 150 -10.32 7.37 -0.53
N GLY A 151 -10.76 8.34 -1.32
CA GLY A 151 -12.01 8.27 -2.07
C GLY A 151 -12.11 7.04 -2.94
N LEU A 152 -11.07 6.77 -3.75
CA LEU A 152 -10.99 5.58 -4.63
C LEU A 152 -11.06 4.26 -3.86
N SER A 153 -10.35 4.19 -2.76
CA SER A 153 -10.29 3.02 -1.94
C SER A 153 -11.64 2.71 -1.32
N SER A 154 -12.34 3.74 -0.84
CA SER A 154 -13.68 3.56 -0.33
C SER A 154 -14.56 2.88 -1.40
N ALA A 155 -14.50 3.40 -2.62
CA ALA A 155 -15.22 2.75 -3.71
C ALA A 155 -14.82 1.26 -3.81
N LEU A 156 -13.53 1.00 -3.83
CA LEU A 156 -13.05 -0.36 -4.02
C LEU A 156 -13.60 -1.29 -2.94
N LEU A 157 -13.59 -0.80 -1.71
CA LEU A 157 -14.15 -1.56 -0.58
C LEU A 157 -15.61 -1.92 -0.75
N LYS A 158 -16.40 -1.03 -1.35
CA LYS A 158 -17.79 -1.34 -1.59
C LYS A 158 -17.85 -2.54 -2.54
N GLY A 159 -16.95 -2.57 -3.53
CA GLY A 159 -16.79 -3.71 -4.40
C GLY A 159 -16.41 -5.02 -3.76
N TYR A 160 -15.38 -5.00 -2.91
CA TYR A 160 -14.98 -6.18 -2.14
C TYR A 160 -16.10 -6.67 -1.22
N ALA A 161 -16.81 -5.75 -0.57
CA ALA A 161 -18.00 -6.10 0.24
C ALA A 161 -19.04 -6.88 -0.56
N LEU A 162 -19.47 -6.33 -1.71
CA LEU A 162 -20.55 -7.00 -2.50
C LEU A 162 -20.05 -8.31 -3.03
N ALA A 163 -18.75 -8.38 -3.38
CA ALA A 163 -18.11 -9.62 -3.89
C ALA A 163 -18.21 -10.81 -2.90
N LEU A 164 -18.20 -10.48 -1.60
CA LEU A 164 -18.24 -11.47 -0.53
C LEU A 164 -19.65 -11.69 -0.03
N GLY A 165 -20.65 -11.21 -0.78
CA GLY A 165 -22.05 -11.33 -0.40
C GLY A 165 -22.50 -10.41 0.74
N LYS A 166 -21.75 -9.34 1.03
CA LYS A 166 -22.14 -8.42 2.13
C LYS A 166 -22.78 -7.14 1.58
N GLU A 167 -23.33 -6.34 2.47
CA GLU A 167 -23.88 -5.04 2.10
C GLU A 167 -22.70 -4.16 1.86
N GLU A 168 -22.86 -3.12 1.03
CA GLU A 168 -21.68 -2.47 0.42
C GLU A 168 -20.81 -1.69 1.39
N ASN A 169 -21.35 -1.38 2.57
CA ASN A 169 -20.59 -0.67 3.63
C ASN A 169 -19.91 -1.57 4.71
N PHE A 170 -19.79 -2.87 4.45
CA PHE A 170 -19.32 -3.84 5.44
C PHE A 170 -17.89 -3.53 5.87
N PHE A 171 -17.06 -3.08 4.93
CA PHE A 171 -15.64 -2.70 5.18
C PHE A 171 -15.58 -1.18 5.38
N ALA A 172 -16.21 -0.46 4.46
CA ALA A 172 -16.12 0.98 4.33
C ALA A 172 -16.60 1.72 5.55
N ARG A 173 -17.55 1.15 6.28
CA ARG A 173 -18.06 1.78 7.52
C ARG A 173 -16.93 1.94 8.59
N HIS A 174 -15.86 1.15 8.46
CA HIS A 174 -14.67 1.24 9.35
C HIS A 174 -13.50 2.09 8.84
N PHE A 175 -13.65 2.62 7.62
CA PHE A 175 -12.64 3.39 6.92
C PHE A 175 -13.12 4.83 6.89
N LYS A 176 -12.59 5.62 7.82
CA LYS A 176 -13.07 6.98 8.05
C LYS A 176 -11.94 7.99 8.11
N PRO A 177 -12.18 9.19 7.53
CA PRO A 177 -11.21 10.26 7.50
C PRO A 177 -10.72 10.65 8.88
N ASP A 178 -11.52 10.42 9.89
CA ASP A 178 -11.07 10.95 11.14
CA ASP A 178 -11.12 10.93 11.18
C ASP A 178 -10.10 10.04 11.93
N ASP A 179 -10.09 8.76 11.60
CA ASP A 179 -9.24 7.85 12.36
C ASP A 179 -8.41 6.84 11.54
N THR A 180 -8.51 6.88 10.21
CA THR A 180 -7.90 5.83 9.42
C THR A 180 -6.40 5.83 9.70
N LEU A 181 -5.86 4.62 9.91
CA LEU A 181 -4.38 4.42 9.95
C LEU A 181 -3.70 4.24 8.58
N ALA A 182 -4.42 4.44 7.49
CA ALA A 182 -3.84 4.33 6.16
C ALA A 182 -2.62 5.24 5.98
N SER A 183 -1.69 4.78 5.14
CA SER A 183 -0.44 5.51 4.84
C SER A 183 -0.22 5.62 3.33
N VAL A 184 0.43 6.70 2.90
CA VAL A 184 0.99 6.81 1.59
C VAL A 184 2.53 6.72 1.70
N VAL A 185 3.17 5.95 0.81
CA VAL A 185 4.64 5.92 0.69
C VAL A 185 5.07 6.33 -0.70
N LEU A 186 5.90 7.38 -0.78
CA LEU A 186 6.46 7.84 -2.04
C LEU A 186 7.89 7.34 -2.19
N ILE A 187 8.08 6.32 -3.04
CA ILE A 187 9.33 5.55 -3.19
C ILE A 187 10.02 5.85 -4.50
N ARG A 188 11.28 6.24 -4.39
CA ARG A 188 12.15 6.36 -5.53
C ARG A 188 13.07 5.12 -5.58
N TYR A 189 13.07 4.49 -6.75
CA TYR A 189 14.06 3.49 -7.14
C TYR A 189 14.98 4.11 -8.17
N PRO A 190 16.25 4.29 -7.80
CA PRO A 190 17.15 5.04 -8.68
C PRO A 190 17.81 4.21 -9.79
N TYR A 191 18.26 4.87 -10.85
CA TYR A 191 19.24 4.29 -11.77
C TYR A 191 20.62 4.52 -11.19
N LEU A 192 21.45 3.49 -11.19
CA LEU A 192 22.80 3.64 -10.64
C LEU A 192 23.82 2.92 -11.51
N ASP A 193 25.00 3.51 -11.65
CA ASP A 193 26.09 2.86 -12.38
C ASP A 193 27.47 3.24 -11.83
N PRO A 194 28.19 2.26 -11.22
CA PRO A 194 27.78 0.87 -10.98
C PRO A 194 26.66 0.73 -9.93
N TYR A 195 25.84 -0.30 -10.06
CA TYR A 195 24.78 -0.55 -9.09
C TYR A 195 25.37 -1.40 -7.96
N PRO A 196 25.18 -0.97 -6.70
CA PRO A 196 25.68 -1.63 -5.50
C PRO A 196 25.13 -3.05 -5.21
N GLU A 197 26.08 -4.00 -5.07
CA GLU A 197 25.80 -5.43 -4.84
C GLU A 197 25.02 -5.73 -3.59
N ALA A 198 25.28 -4.94 -2.55
CA ALA A 198 24.59 -5.12 -1.29
C ALA A 198 23.13 -4.79 -1.44
N ALA A 199 22.80 -3.99 -2.46
CA ALA A 199 21.39 -3.57 -2.65
C ALA A 199 20.62 -4.57 -3.51
N ILE A 200 21.28 -5.63 -3.98
CA ILE A 200 20.64 -6.69 -4.77
C ILE A 200 20.67 -8.01 -4.03
N LYS A 201 19.51 -8.65 -3.93
CA LYS A 201 19.37 -9.94 -3.26
C LYS A 201 19.10 -11.03 -4.30
N THR A 202 19.62 -12.24 -4.04
CA THR A 202 19.40 -13.41 -4.91
C THR A 202 18.37 -14.35 -4.28
N ALA A 203 17.29 -14.60 -5.02
CA ALA A 203 16.23 -15.50 -4.55
C ALA A 203 16.71 -16.96 -4.61
N ALA A 204 16.07 -17.82 -3.81
CA ALA A 204 16.20 -19.30 -3.94
C ALA A 204 16.24 -19.75 -5.41
N ASP A 205 15.36 -19.19 -6.26
CA ASP A 205 15.32 -19.56 -7.72
C ASP A 205 16.29 -18.85 -8.62
N GLY A 206 17.22 -18.09 -8.05
CA GLY A 206 18.22 -17.34 -8.85
C GLY A 206 17.85 -15.93 -9.28
N THR A 207 16.59 -15.57 -9.17
CA THR A 207 16.17 -14.22 -9.57
C THR A 207 16.81 -13.12 -8.66
N LYS A 208 17.36 -12.09 -9.28
CA LYS A 208 17.92 -10.93 -8.58
C LYS A 208 16.78 -9.97 -8.15
N LEU A 209 16.69 -9.66 -6.86
CA LEU A 209 15.59 -8.85 -6.28
C LEU A 209 16.06 -7.54 -5.61
N SER A 210 15.17 -6.56 -5.63
CA SER A 210 15.33 -5.36 -4.82
C SER A 210 14.64 -5.58 -3.45
N PHE A 211 13.55 -6.33 -3.43
CA PHE A 211 12.79 -6.60 -2.21
C PHE A 211 12.20 -8.04 -2.21
N GLU A 212 12.41 -8.78 -1.11
CA GLU A 212 12.03 -10.21 -1.00
C GLU A 212 10.53 -10.42 -0.86
N TRP A 213 10.14 -11.68 -0.99
CA TRP A 213 8.75 -12.12 -0.90
C TRP A 213 8.09 -11.70 0.42
N HIS A 214 6.81 -11.38 0.37
CA HIS A 214 6.06 -10.99 1.54
C HIS A 214 4.58 -10.98 1.18
N GLU A 215 3.71 -11.00 2.18
CA GLU A 215 2.30 -10.59 2.11
C GLU A 215 2.21 -9.14 2.63
N ASP A 216 1.25 -8.36 2.12
CA ASP A 216 1.12 -6.95 2.59
C ASP A 216 0.43 -6.87 3.98
N VAL A 217 0.89 -5.95 4.82
CA VAL A 217 0.20 -5.61 6.08
C VAL A 217 -0.79 -4.52 5.71
N SER A 218 -2.02 -4.98 5.45
CA SER A 218 -3.12 -4.09 4.97
C SER A 218 -4.42 -4.86 4.93
N LEU A 219 -5.55 -4.13 4.73
CA LEU A 219 -6.84 -4.71 4.25
C LEU A 219 -6.73 -4.88 2.71
N ILE A 220 -6.52 -3.78 1.99
CA ILE A 220 -6.09 -3.82 0.60
C ILE A 220 -4.95 -2.82 0.34
N THR A 221 -4.22 -3.04 -0.75
CA THR A 221 -3.18 -2.15 -1.18
C THR A 221 -3.58 -1.55 -2.54
N VAL A 222 -3.50 -0.21 -2.63
CA VAL A 222 -3.86 0.56 -3.83
C VAL A 222 -2.62 1.28 -4.33
N LEU A 223 -2.02 0.80 -5.42
CA LEU A 223 -0.68 1.18 -5.88
C LEU A 223 -0.61 1.80 -7.28
N TYR A 224 -0.02 2.99 -7.37
CA TYR A 224 0.46 3.53 -8.63
C TYR A 224 2.02 3.29 -8.77
N GLN A 225 2.45 2.91 -9.97
CA GLN A 225 3.87 2.73 -10.34
C GLN A 225 4.07 3.35 -11.72
N SER A 226 5.24 3.91 -11.95
CA SER A 226 5.65 4.29 -13.28
C SER A 226 5.88 3.01 -14.14
N ASN A 227 6.05 3.21 -15.45
CA ASN A 227 6.06 2.10 -16.41
C ASN A 227 7.37 1.34 -16.54
N VAL A 228 7.73 0.64 -15.48
CA VAL A 228 8.85 -0.27 -15.53
C VAL A 228 8.42 -1.53 -14.80
N GLN A 229 8.37 -2.63 -15.56
CA GLN A 229 7.95 -3.94 -15.08
C GLN A 229 8.91 -4.40 -14.00
N ASN A 230 8.37 -4.80 -12.85
CA ASN A 230 9.19 -5.27 -11.74
C ASN A 230 8.54 -6.33 -10.78
N LEU A 231 7.22 -6.36 -10.66
CA LEU A 231 6.54 -7.14 -9.63
C LEU A 231 6.32 -8.56 -10.09
N GLN A 232 6.39 -9.49 -9.14
CA GLN A 232 6.07 -10.89 -9.42
C GLN A 232 5.22 -11.44 -8.31
N VAL A 233 4.25 -12.29 -8.68
CA VAL A 233 3.30 -12.91 -7.76
C VAL A 233 3.56 -14.40 -7.73
N GLU A 234 3.56 -14.98 -6.55
CA GLU A 234 3.83 -16.40 -6.41
C GLU A 234 2.56 -17.24 -6.67
N THR A 235 2.74 -18.30 -7.48
CA THR A 235 1.72 -19.33 -7.73
C THR A 235 2.33 -20.68 -7.42
N ALA A 236 1.51 -21.73 -7.47
CA ALA A 236 2.01 -23.13 -7.25
C ALA A 236 3.08 -23.52 -8.25
N ALA A 237 2.97 -22.98 -9.46
CA ALA A 237 3.94 -23.23 -10.55
C ALA A 237 5.13 -22.28 -10.45
N GLY A 238 5.12 -21.40 -9.45
CA GLY A 238 6.28 -20.52 -9.19
C GLY A 238 5.87 -19.10 -9.49
N TYR A 239 6.85 -18.20 -9.51
CA TYR A 239 6.58 -16.78 -9.67
C TYR A 239 6.18 -16.38 -11.09
N GLN A 240 5.18 -15.50 -11.22
CA GLN A 240 4.81 -14.94 -12.54
C GLN A 240 4.98 -13.41 -12.61
N ASP A 241 5.33 -12.88 -13.80
CA ASP A 241 5.49 -11.43 -13.97
C ASP A 241 4.15 -10.73 -14.00
N ILE A 242 4.06 -9.66 -13.20
CA ILE A 242 2.94 -8.71 -13.29
C ILE A 242 3.37 -7.59 -14.24
N GLU A 243 2.59 -7.38 -15.32
CA GLU A 243 2.89 -6.34 -16.33
C GLU A 243 2.58 -4.92 -15.79
N ALA A 244 3.38 -3.94 -16.24
CA ALA A 244 3.24 -2.56 -15.73
C ALA A 244 2.09 -1.90 -16.51
N ASP A 245 1.46 -0.93 -15.87
CA ASP A 245 0.45 -0.11 -16.47
C ASP A 245 0.46 1.20 -15.68
N ASP A 246 1.09 2.22 -16.23
CA ASP A 246 1.17 3.50 -15.50
C ASP A 246 -0.01 4.44 -15.73
N THR A 247 -1.14 3.92 -16.19
CA THR A 247 -2.41 4.65 -16.15
C THR A 247 -3.38 4.15 -15.08
N GLY A 248 -3.23 2.92 -14.64
CA GLY A 248 -4.15 2.30 -13.67
C GLY A 248 -3.55 2.10 -12.28
N TYR A 249 -4.40 1.65 -11.37
CA TYR A 249 -3.99 1.23 -10.04
C TYR A 249 -3.98 -0.28 -9.91
N LEU A 250 -2.85 -0.80 -9.46
CA LEU A 250 -2.70 -2.19 -9.11
C LEU A 250 -3.27 -2.45 -7.70
N ILE A 251 -4.25 -3.34 -7.66
CA ILE A 251 -4.92 -3.70 -6.39
C ILE A 251 -4.65 -5.11 -5.96
N ASN A 252 -4.46 -5.31 -4.66
CA ASN A 252 -4.36 -6.63 -4.03
C ASN A 252 -4.80 -6.56 -2.58
N CYS A 253 -5.20 -7.70 -2.06
CA CYS A 253 -5.50 -7.88 -0.63
C CYS A 253 -4.27 -8.01 0.23
N GLY A 254 -4.43 -7.57 1.49
CA GLY A 254 -3.45 -7.81 2.52
C GLY A 254 -3.91 -8.84 3.52
N SER A 255 -3.08 -9.09 4.52
CA SER A 255 -3.30 -10.22 5.42
C SER A 255 -4.47 -10.03 6.38
N TYR A 256 -4.94 -8.80 6.57
CA TYR A 256 -6.20 -8.57 7.33
C TYR A 256 -7.42 -9.19 6.61
N MET A 257 -7.52 -9.01 5.30
CA MET A 257 -8.51 -9.72 4.48
C MET A 257 -8.45 -11.24 4.53
N ALA A 258 -7.27 -11.82 4.40
CA ALA A 258 -7.09 -13.27 4.51
C ALA A 258 -7.65 -13.73 5.80
N HIS A 259 -7.26 -13.04 6.88
CA HIS A 259 -7.70 -13.42 8.20
C HIS A 259 -9.25 -13.39 8.31
N LEU A 260 -9.86 -12.22 7.98
CA LEU A 260 -11.32 -12.02 8.05
CA LEU A 260 -11.32 -12.00 8.05
C LEU A 260 -12.14 -13.02 7.23
N THR A 261 -11.59 -13.43 6.10
CA THR A 261 -12.34 -14.28 5.13
C THR A 261 -11.98 -15.77 5.24
N ASN A 262 -11.28 -16.10 6.32
CA ASN A 262 -10.76 -17.43 6.47
C ASN A 262 -9.92 -17.86 5.25
N ASN A 263 -9.14 -16.94 4.72
CA ASN A 263 -8.25 -17.23 3.58
C ASN A 263 -8.98 -17.45 2.24
N TYR A 264 -10.28 -17.17 2.20
CA TYR A 264 -11.00 -17.20 0.96
C TYR A 264 -10.39 -16.24 -0.06
N TYR A 265 -10.16 -14.99 0.34
CA TYR A 265 -9.34 -14.05 -0.44
C TYR A 265 -7.95 -13.96 0.21
N LYS A 266 -7.01 -14.69 -0.38
CA LYS A 266 -5.64 -14.78 0.14
C LYS A 266 -4.92 -13.44 0.03
N ALA A 267 -3.97 -13.22 0.91
CA ALA A 267 -2.99 -12.16 0.71
C ALA A 267 -1.94 -12.71 -0.25
N PRO A 268 -1.99 -12.33 -1.55
CA PRO A 268 -0.96 -12.93 -2.46
C PRO A 268 0.49 -12.63 -2.06
N ILE A 269 1.34 -13.65 -2.12
CA ILE A 269 2.77 -13.45 -1.90
C ILE A 269 3.36 -12.82 -3.19
N HIS A 270 4.11 -11.74 -3.02
CA HIS A 270 4.79 -11.08 -4.12
C HIS A 270 6.18 -10.54 -3.74
N ARG A 271 6.94 -10.11 -4.73
CA ARG A 271 8.32 -9.70 -4.57
C ARG A 271 8.66 -8.73 -5.69
N VAL A 272 9.73 -7.95 -5.44
CA VAL A 272 10.14 -6.87 -6.37
C VAL A 272 11.44 -7.25 -7.06
N LYS A 273 11.39 -7.49 -8.36
CA LYS A 273 12.65 -7.72 -9.10
C LYS A 273 13.56 -6.50 -9.14
N TRP A 274 14.84 -6.79 -9.13
CA TRP A 274 15.83 -5.78 -9.44
C TRP A 274 15.83 -5.43 -10.91
N VAL A 275 15.77 -4.12 -11.17
CA VAL A 275 15.91 -3.51 -12.50
C VAL A 275 16.67 -2.20 -12.30
N ASN A 276 17.70 -2.01 -13.11
CA ASN A 276 18.46 -0.81 -13.00
C ASN A 276 17.86 0.28 -13.89
N ALA A 277 16.81 0.92 -13.36
CA ALA A 277 16.03 1.93 -14.08
C ALA A 277 15.44 2.90 -13.05
N GLU A 278 15.40 4.17 -13.41
CA GLU A 278 14.83 5.19 -12.57
C GLU A 278 13.31 4.94 -12.57
N ARG A 279 12.70 4.78 -11.41
CA ARG A 279 11.25 4.59 -11.33
C ARG A 279 10.63 4.98 -9.97
N GLN A 280 9.31 5.08 -9.98
CA GLN A 280 8.50 5.46 -8.81
CA GLN A 280 8.48 5.49 -8.84
C GLN A 280 7.51 4.38 -8.46
N SER A 281 7.30 4.18 -7.15
CA SER A 281 6.31 3.21 -6.65
C SER A 281 5.57 3.89 -5.49
N LEU A 282 4.29 4.26 -5.72
CA LEU A 282 3.50 4.98 -4.74
C LEU A 282 2.32 4.19 -4.18
N PRO A 283 2.57 3.26 -3.23
CA PRO A 283 1.49 2.60 -2.55
C PRO A 283 0.71 3.45 -1.54
N PHE A 284 -0.57 3.12 -1.48
CA PHE A 284 -1.48 3.53 -0.46
C PHE A 284 -1.97 2.24 0.24
N PHE A 285 -1.61 2.13 1.53
CA PHE A 285 -1.94 0.97 2.40
C PHE A 285 -3.28 1.26 3.11
N VAL A 286 -4.30 0.49 2.73
CA VAL A 286 -5.65 0.73 3.21
C VAL A 286 -5.82 0.01 4.55
N ASN A 287 -5.58 0.79 5.61
CA ASN A 287 -5.75 0.42 7.02
C ASN A 287 -7.04 1.05 7.62
N LEU A 288 -7.61 0.37 8.62
CA LEU A 288 -8.81 0.85 9.31
C LEU A 288 -8.37 1.64 10.58
N GLY A 289 -9.31 1.91 11.50
CA GLY A 289 -9.04 2.65 12.75
C GLY A 289 -8.43 1.76 13.81
N TYR A 290 -7.93 2.36 14.87
CA TYR A 290 -7.15 1.58 15.83
C TYR A 290 -7.98 0.47 16.49
N ASP A 291 -9.25 0.78 16.77
CA ASP A 291 -10.18 -0.16 17.43
C ASP A 291 -11.19 -0.85 16.48
N SER A 292 -11.00 -0.77 15.18
CA SER A 292 -11.95 -1.37 14.27
C SER A 292 -11.72 -2.87 14.37
N VAL A 293 -12.83 -3.62 14.38
CA VAL A 293 -12.84 -5.09 14.48
C VAL A 293 -13.86 -5.61 13.45
N ILE A 294 -13.42 -6.46 12.53
CA ILE A 294 -14.36 -7.18 11.66
C ILE A 294 -14.48 -8.64 12.10
N ASP A 295 -15.70 -9.07 12.36
CA ASP A 295 -15.96 -10.45 12.75
C ASP A 295 -15.68 -11.43 11.61
N PRO A 296 -14.70 -12.34 11.77
CA PRO A 296 -14.34 -13.20 10.64
C PRO A 296 -15.48 -14.09 10.18
N PHE A 297 -15.40 -14.52 8.92
CA PHE A 297 -16.45 -15.37 8.36
C PHE A 297 -15.87 -16.23 7.25
N ASP A 298 -16.68 -17.19 6.79
CA ASP A 298 -16.23 -18.20 5.83
C ASP A 298 -17.23 -18.38 4.72
N PRO A 299 -16.98 -17.71 3.60
CA PRO A 299 -17.80 -17.75 2.42
C PRO A 299 -17.98 -19.13 1.79
N ARG A 300 -17.23 -20.13 2.23
CA ARG A 300 -17.30 -21.48 1.65
C ARG A 300 -18.32 -22.36 2.36
N GLU A 301 -18.76 -21.89 3.52
CA GLU A 301 -19.61 -22.66 4.41
C GLU A 301 -21.03 -22.14 4.26
N PRO A 302 -21.99 -23.05 4.09
CA PRO A 302 -23.38 -22.60 4.05
C PRO A 302 -23.80 -21.69 5.20
N ASN A 303 -23.39 -21.94 6.44
CA ASN A 303 -23.74 -21.01 7.54
C ASN A 303 -22.80 -19.81 7.70
N GLY A 304 -21.76 -19.70 6.86
CA GLY A 304 -20.92 -18.53 6.85
C GLY A 304 -20.00 -18.40 8.03
N LYS A 305 -20.05 -19.36 8.95
CA LYS A 305 -19.33 -19.29 10.22
C LYS A 305 -17.85 -19.66 10.14
N SER A 306 -17.06 -18.91 10.93
CA SER A 306 -15.63 -19.11 11.09
C SER A 306 -15.32 -19.18 12.57
N ASP A 307 -14.29 -19.97 12.93
CA ASP A 307 -13.88 -20.09 14.32
C ASP A 307 -12.77 -19.12 14.71
N ARG A 308 -12.38 -18.29 13.73
CA ARG A 308 -11.29 -17.37 13.94
C ARG A 308 -11.72 -16.23 14.85
N GLU A 309 -10.77 -15.77 15.67
CA GLU A 309 -11.03 -14.68 16.60
C GLU A 309 -11.02 -13.40 15.88
N PRO A 310 -11.94 -12.51 16.24
CA PRO A 310 -11.87 -11.17 15.73
C PRO A 310 -10.58 -10.49 16.18
N LEU A 311 -10.00 -9.71 15.29
CA LEU A 311 -8.69 -9.11 15.49
C LEU A 311 -8.90 -7.59 15.45
N SER A 312 -8.43 -6.88 16.46
CA SER A 312 -8.51 -5.42 16.38
C SER A 312 -7.41 -4.87 15.46
N TYR A 313 -7.74 -3.86 14.65
CA TYR A 313 -6.87 -3.43 13.58
C TYR A 313 -5.49 -2.82 14.04
N GLY A 314 -5.50 -1.98 15.08
CA GLY A 314 -4.29 -1.36 15.58
C GLY A 314 -3.23 -2.37 16.08
N ASP A 315 -3.68 -3.37 16.83
CA ASP A 315 -2.83 -4.49 17.23
C ASP A 315 -2.29 -5.32 16.05
N TYR A 316 -3.14 -5.62 15.09
CA TYR A 316 -2.71 -6.32 13.89
C TYR A 316 -1.60 -5.51 13.17
N LEU A 317 -1.83 -4.20 13.10
CA LEU A 317 -0.95 -3.27 12.36
C LEU A 317 0.45 -3.13 13.04
N GLN A 318 0.46 -2.94 14.34
CA GLN A 318 1.70 -2.94 15.12
C GLN A 318 2.49 -4.23 14.91
N ASN A 319 1.85 -5.37 15.12
CA ASN A 319 2.55 -6.65 14.95
C ASN A 319 3.11 -6.81 13.54
N GLY A 320 2.30 -6.42 12.55
CA GLY A 320 2.67 -6.60 11.16
C GLY A 320 3.85 -5.76 10.74
N LEU A 321 3.91 -4.50 11.18
CA LEU A 321 4.97 -3.61 10.73
C LEU A 321 6.32 -4.02 11.34
N VAL A 322 6.29 -4.48 12.59
CA VAL A 322 7.51 -5.05 13.21
C VAL A 322 8.01 -6.33 12.49
N SER A 323 7.09 -7.19 12.08
CA SER A 323 7.44 -8.43 11.41
C SER A 323 8.06 -8.22 10.00
N LEU A 324 7.44 -7.36 9.20
CA LEU A 324 8.04 -6.94 7.91
C LEU A 324 9.52 -6.52 8.03
N ILE A 325 9.82 -5.66 9.01
CA ILE A 325 11.20 -5.18 9.20
C ILE A 325 12.15 -6.31 9.63
N ASN A 326 11.68 -7.19 10.51
CA ASN A 326 12.49 -8.33 10.94
C ASN A 326 12.73 -9.36 9.81
N LYS A 327 11.77 -9.49 8.90
CA LYS A 327 11.85 -10.43 7.78
C LYS A 327 12.60 -9.83 6.56
N ASN A 328 12.10 -8.71 6.05
CA ASN A 328 12.66 -8.10 4.82
C ASN A 328 13.63 -6.89 4.99
N GLY A 329 13.83 -6.42 6.24
CA GLY A 329 14.81 -5.36 6.55
C GLY A 329 14.19 -3.98 6.76
N GLN A 330 14.95 -3.10 7.42
CA GLN A 330 14.58 -1.67 7.55
C GLN A 330 14.62 -0.99 6.16
N THR A 331 13.47 -0.49 5.71
CA THR A 331 13.37 0.08 4.33
C THR A 331 13.92 1.51 4.30
#